data_5WCK
#
_entry.id   5WCK
#
_cell.length_a   44.860
_cell.length_b   76.850
_cell.length_c   78.890
_cell.angle_alpha   90.000
_cell.angle_beta   102.080
_cell.angle_gamma   90.000
#
_symmetry.space_group_name_H-M   'P 1 21 1'
#
loop_
_entity.id
_entity.type
_entity.pdbx_description
1 polymer 'FEZ-1 protein'
2 non-polymer 'ZINC ION'
3 non-polymer 'SULFATE ION'
4 non-polymer GLYCEROL
5 non-polymer 'UNKNOWN ATOM OR ION'
6 water water
#
_entity_poly.entity_id   1
_entity_poly.type   'polypeptide(L)'
_entity_poly.pdbx_seq_one_letter_code
;AYPMPNPFPPFRIAGNLYYVGTDDLASYLIVTPRGNILINSDLEANVPMIKASIKKLGFKFSDTKILLISHAHFDHAAGS
ELIKQQTKAKYMVMDEDVSVILSGGKSDFHYANDSSTYFTQSTVDKVLHDGERVELGGTVLTAHLTPGHTRGCTTWTMKL
KDHGKQYQAVIIGSIGVNPGYKLVDNITYPKIAEDYKHSIKVLESMRCDIFLGSHAGMFDLKNKYVLLSKGQNNPFVDPT
GCKNYIEQKANDFYTELKKQETG
;
_entity_poly.pdbx_strand_id   A,B
#
loop_
_chem_comp.id
_chem_comp.type
_chem_comp.name
_chem_comp.formula
GOL non-polymer GLYCEROL 'C3 H8 O3'
SO4 non-polymer 'SULFATE ION' 'O4 S -2'
UNX non-polymer 'UNKNOWN ATOM OR ION' ?
ZN non-polymer 'ZINC ION' 'Zn 2'
#
# COMPACT_ATOMS: atom_id res chain seq x y z
N ALA A 1 24.10 6.63 28.21
CA ALA A 1 23.89 7.84 27.35
C ALA A 1 23.86 7.42 25.87
N TYR A 2 23.14 8.20 25.05
CA TYR A 2 23.00 7.87 23.62
C TYR A 2 24.36 8.01 22.97
N PRO A 3 24.84 7.00 22.18
CA PRO A 3 26.12 7.12 21.48
C PRO A 3 26.13 8.29 20.48
N MET A 4 27.10 9.20 20.61
CA MET A 4 27.20 10.35 19.71
C MET A 4 27.39 9.83 18.29
N PRO A 5 26.50 10.15 17.33
CA PRO A 5 26.73 9.78 15.94
C PRO A 5 27.99 10.43 15.36
N ASN A 6 28.51 9.81 14.31
CA ASN A 6 29.62 10.32 13.53
C ASN A 6 29.08 11.00 12.28
N PRO A 7 29.82 11.96 11.69
CA PRO A 7 29.40 12.57 10.43
C PRO A 7 29.32 11.53 9.30
N PHE A 8 28.46 11.84 8.34
CA PHE A 8 28.28 10.99 7.18
C PHE A 8 28.23 11.90 5.96
N PRO A 9 28.82 11.50 4.83
CA PRO A 9 28.80 12.37 3.64
C PRO A 9 27.39 12.53 3.12
N PRO A 10 26.92 13.76 2.85
CA PRO A 10 25.58 13.94 2.31
C PRO A 10 25.53 13.53 0.82
N PHE A 11 24.36 13.14 0.32
CA PHE A 11 24.25 12.65 -1.03
C PHE A 11 22.79 12.73 -1.48
N ARG A 12 22.59 12.70 -2.79
CA ARG A 12 21.27 12.58 -3.38
C ARG A 12 20.82 11.12 -3.37
N ILE A 13 19.64 10.86 -2.77
CA ILE A 13 19.08 9.52 -2.73
C ILE A 13 18.40 9.21 -4.07
N ALA A 14 17.47 10.07 -4.48
CA ALA A 14 16.68 9.91 -5.71
C ALA A 14 15.89 11.20 -5.91
N GLY A 15 15.62 11.56 -7.17
CA GLY A 15 14.84 12.78 -7.43
C GLY A 15 15.40 13.97 -6.67
N ASN A 16 14.53 14.64 -5.92
CA ASN A 16 14.91 15.81 -5.13
C ASN A 16 15.02 15.50 -3.63
N LEU A 17 15.29 14.25 -3.29
CA LEU A 17 15.45 13.82 -1.90
C LEU A 17 16.93 13.50 -1.64
N TYR A 18 17.47 14.15 -0.61
CA TYR A 18 18.86 14.06 -0.22
C TYR A 18 18.98 13.56 1.22
N TYR A 19 20.08 12.87 1.49
CA TYR A 19 20.47 12.47 2.82
C TYR A 19 21.39 13.55 3.40
N VAL A 20 21.04 14.08 4.58
CA VAL A 20 21.86 15.07 5.28
C VAL A 20 22.05 14.69 6.74
N GLY A 21 21.96 13.38 7.03
CA GLY A 21 22.11 12.91 8.39
C GLY A 21 23.50 12.41 8.71
N THR A 22 23.54 11.59 9.76
CA THR A 22 24.75 11.08 10.37
C THR A 22 24.91 9.59 10.02
N ASP A 23 25.86 8.92 10.65
CA ASP A 23 26.02 7.50 10.40
C ASP A 23 25.00 6.65 11.18
N ASP A 24 24.10 7.31 11.92
CA ASP A 24 23.07 6.63 12.74
C ASP A 24 21.75 7.40 12.58
N LEU A 25 21.64 8.54 13.26
CA LEU A 25 20.43 9.33 13.20
C LEU A 25 20.29 9.90 11.78
N ALA A 26 19.18 9.56 11.12
CA ALA A 26 18.96 9.86 9.68
C ALA A 26 18.13 11.12 9.52
N SER A 27 18.61 12.03 8.66
CA SER A 27 17.91 13.28 8.33
C SER A 27 17.86 13.42 6.81
N TYR A 28 16.80 14.08 6.32
CA TYR A 28 16.52 14.13 4.91
C TYR A 28 16.21 15.57 4.52
N LEU A 29 16.67 15.96 3.32
CA LEU A 29 16.42 17.27 2.76
C LEU A 29 15.67 17.09 1.44
N ILE A 30 14.53 17.77 1.31
CA ILE A 30 13.75 17.75 0.08
C ILE A 30 13.88 19.17 -0.50
N VAL A 31 14.40 19.26 -1.71
CA VAL A 31 14.78 20.54 -2.33
C VAL A 31 13.75 20.87 -3.40
N THR A 32 13.15 22.06 -3.28
CA THR A 32 12.11 22.52 -4.21
C THR A 32 12.43 23.93 -4.67
N PRO A 33 11.80 24.36 -5.78
CA PRO A 33 11.95 25.75 -6.23
C PRO A 33 11.48 26.82 -5.25
N ARG A 34 10.69 26.42 -4.24
CA ARG A 34 10.14 27.34 -3.26
C ARG A 34 10.74 27.12 -1.87
N GLY A 35 11.87 26.40 -1.82
CA GLY A 35 12.59 26.19 -0.57
C GLY A 35 12.64 24.71 -0.24
N ASN A 36 13.20 24.41 0.94
CA ASN A 36 13.54 23.04 1.30
C ASN A 36 12.77 22.57 2.53
N ILE A 37 12.56 21.24 2.61
CA ILE A 37 11.97 20.57 3.75
C ILE A 37 13.07 19.73 4.41
N LEU A 38 13.22 19.86 5.72
CA LEU A 38 14.15 19.06 6.51
C LEU A 38 13.37 18.09 7.40
N ILE A 39 13.77 16.82 7.39
CA ILE A 39 13.15 15.78 8.26
C ILE A 39 14.21 15.28 9.24
N ASN A 40 13.93 15.44 10.54
CA ASN A 40 14.73 15.02 11.72
C ASN A 40 15.81 16.05 12.07
N SER A 41 15.71 16.65 13.26
CA SER A 41 16.69 17.65 13.75
C SER A 41 17.77 16.96 14.60
N ASP A 42 17.55 15.70 14.96
CA ASP A 42 18.56 14.88 15.65
C ASP A 42 18.94 15.52 16.99
N LEU A 43 20.15 15.24 17.48
CA LEU A 43 20.60 15.83 18.76
C LEU A 43 21.00 17.29 18.53
N GLU A 44 21.00 18.10 19.60
CA GLU A 44 21.49 19.47 19.50
C GLU A 44 22.88 19.51 18.87
N ALA A 45 23.76 18.56 19.26
CA ALA A 45 25.12 18.46 18.71
C ALA A 45 25.13 18.20 17.20
N ASN A 46 24.03 17.67 16.65
CA ASN A 46 24.02 17.33 15.24
C ASN A 46 23.54 18.50 14.38
N VAL A 47 22.97 19.55 14.98
CA VAL A 47 22.43 20.67 14.18
C VAL A 47 23.53 21.32 13.35
N PRO A 48 24.75 21.63 13.88
CA PRO A 48 25.79 22.14 12.99
C PRO A 48 26.21 21.17 11.89
N MET A 49 26.08 19.86 12.15
CA MET A 49 26.42 18.83 11.18
C MET A 49 25.40 18.85 10.03
N ILE A 50 24.12 18.96 10.39
CA ILE A 50 23.04 19.05 9.37
C ILE A 50 23.26 20.29 8.51
N LYS A 51 23.50 21.44 9.17
CA LYS A 51 23.79 22.69 8.44
C LYS A 51 24.95 22.46 7.46
N ALA A 52 26.05 21.88 7.95
CA ALA A 52 27.22 21.68 7.11
C ALA A 52 26.91 20.75 5.93
N SER A 53 26.10 19.70 6.17
CA SER A 53 25.74 18.77 5.12
C SER A 53 24.92 19.48 4.03
N ILE A 54 23.95 20.28 4.46
CA ILE A 54 23.10 21.01 3.54
C ILE A 54 23.97 21.90 2.64
N LYS A 55 24.92 22.61 3.27
CA LYS A 55 25.76 23.58 2.54
C LYS A 55 26.76 22.85 1.63
N LYS A 56 27.23 21.67 2.06
CA LYS A 56 28.12 20.85 1.26
C LYS A 56 27.47 20.44 -0.06
N LEU A 57 26.16 20.20 -0.04
CA LEU A 57 25.40 19.85 -1.23
C LEU A 57 25.16 21.08 -2.11
N GLY A 58 25.50 22.27 -1.63
CA GLY A 58 25.33 23.51 -2.40
C GLY A 58 24.02 24.22 -2.13
N PHE A 59 23.29 23.81 -1.10
CA PHE A 59 22.04 24.42 -0.72
C PHE A 59 22.26 25.40 0.44
N LYS A 60 21.24 26.19 0.74
CA LYS A 60 21.32 27.19 1.78
C LYS A 60 20.53 26.71 2.99
N PHE A 61 21.14 26.80 4.18
CA PHE A 61 20.45 26.46 5.40
C PHE A 61 19.25 27.39 5.60
N SER A 62 19.42 28.67 5.20
CA SER A 62 18.39 29.69 5.33
C SER A 62 17.18 29.38 4.45
N ASP A 63 17.31 28.46 3.49
CA ASP A 63 16.16 28.09 2.63
C ASP A 63 15.33 26.97 3.27
N THR A 64 15.63 26.55 4.50
CA THR A 64 14.80 25.52 5.16
C THR A 64 13.47 26.15 5.57
N LYS A 65 12.39 25.79 4.86
CA LYS A 65 11.08 26.37 5.07
C LYS A 65 10.21 25.56 6.06
N ILE A 66 10.43 24.25 6.11
CA ILE A 66 9.56 23.31 6.84
C ILE A 66 10.47 22.31 7.54
N LEU A 67 10.16 22.05 8.82
CA LEU A 67 10.82 21.04 9.64
C LEU A 67 9.80 19.99 10.05
N LEU A 68 10.10 18.72 9.73
CA LEU A 68 9.31 17.54 10.10
C LEU A 68 10.20 16.60 10.91
N ILE A 69 9.55 15.65 11.58
CA ILE A 69 10.22 14.61 12.32
C ILE A 69 9.55 13.26 12.04
N SER A 70 10.34 12.19 12.27
CA SER A 70 9.81 10.83 12.25
C SER A 70 8.93 10.56 13.46
N HIS A 71 9.43 10.91 14.64
CA HIS A 71 8.67 10.72 15.86
C HIS A 71 9.29 11.54 17.00
N ALA A 72 8.51 11.72 18.07
CA ALA A 72 8.87 12.62 19.19
C ALA A 72 9.70 11.88 20.24
N HIS A 73 10.96 11.58 19.90
CA HIS A 73 11.99 11.19 20.83
C HIS A 73 13.21 12.12 20.62
N PHE A 74 13.99 12.30 21.68
CA PHE A 74 15.12 13.23 21.64
C PHE A 74 16.08 12.96 20.48
N ASP A 75 16.28 11.69 20.10
CA ASP A 75 17.28 11.37 19.08
C ASP A 75 16.83 11.83 17.69
N HIS A 76 15.54 12.12 17.50
CA HIS A 76 15.05 12.63 16.21
C HIS A 76 14.63 14.10 16.27
N ALA A 77 14.35 14.63 17.46
CA ALA A 77 13.66 15.92 17.60
C ALA A 77 14.37 16.91 18.54
N ALA A 78 15.46 16.52 19.20
CA ALA A 78 16.07 17.44 20.23
C ALA A 78 16.55 18.76 19.60
N GLY A 79 17.02 18.69 18.36
CA GLY A 79 17.61 19.86 17.67
C GLY A 79 16.59 20.84 17.11
N SER A 80 15.28 20.60 17.29
CA SER A 80 14.25 21.34 16.54
C SER A 80 14.23 22.82 16.93
N GLU A 81 14.33 23.13 18.23
CA GLU A 81 14.30 24.55 18.65
C GLU A 81 15.45 25.33 18.00
N LEU A 82 16.66 24.76 18.01
CA LEU A 82 17.82 25.40 17.38
C LEU A 82 17.56 25.65 15.89
N ILE A 83 17.00 24.66 15.20
CA ILE A 83 16.73 24.83 13.76
C ILE A 83 15.72 25.96 13.56
N LYS A 84 14.69 26.02 14.39
CA LYS A 84 13.67 27.07 14.29
C LYS A 84 14.33 28.44 14.54
N GLN A 85 15.21 28.52 15.54
CA GLN A 85 15.89 29.81 15.89
C GLN A 85 16.75 30.27 14.72
N GLN A 86 17.44 29.34 14.06
CA GLN A 86 18.48 29.64 13.08
C GLN A 86 17.90 29.83 11.68
N THR A 87 16.70 29.27 11.41
CA THR A 87 16.15 29.28 10.02
C THR A 87 14.73 29.84 9.92
N LYS A 88 14.01 29.91 11.03
CA LYS A 88 12.58 30.25 11.07
C LYS A 88 11.73 29.23 10.27
N ALA A 89 12.20 27.99 10.17
CA ALA A 89 11.40 26.96 9.48
C ALA A 89 10.10 26.74 10.25
N LYS A 90 9.04 26.33 9.55
CA LYS A 90 7.77 26.00 10.23
C LYS A 90 7.82 24.53 10.66
N TYR A 91 7.53 24.30 11.93
CA TYR A 91 7.60 22.96 12.53
C TYR A 91 6.22 22.31 12.47
N MET A 92 6.14 21.13 11.86
CA MET A 92 4.86 20.46 11.69
C MET A 92 5.01 19.05 12.28
N VAL A 93 4.04 18.67 13.11
CA VAL A 93 4.12 17.45 13.94
C VAL A 93 2.72 16.80 14.00
N MET A 94 2.70 15.46 13.86
CA MET A 94 1.50 14.64 14.02
C MET A 94 0.87 14.90 15.41
N ASP A 95 -0.45 15.14 15.38
CA ASP A 95 -1.30 15.46 16.52
C ASP A 95 -0.89 14.70 17.78
N GLU A 96 -0.83 13.37 17.68
CA GLU A 96 -0.63 12.51 18.84
C GLU A 96 0.74 12.70 19.50
N ASP A 97 1.73 13.27 18.78
CA ASP A 97 3.04 13.53 19.36
C ASP A 97 3.29 15.01 19.78
N VAL A 98 2.31 15.89 19.57
CA VAL A 98 2.48 17.33 19.84
C VAL A 98 2.75 17.56 21.33
N SER A 99 2.03 16.85 22.20
CA SER A 99 2.23 17.06 23.65
C SER A 99 3.70 16.83 24.03
N VAL A 100 4.30 15.76 23.50
CA VAL A 100 5.69 15.47 23.83
C VAL A 100 6.62 16.59 23.33
N ILE A 101 6.38 17.09 22.13
CA ILE A 101 7.23 18.16 21.59
C ILE A 101 7.08 19.42 22.46
N LEU A 102 5.86 19.80 22.81
CA LEU A 102 5.63 21.05 23.60
C LEU A 102 6.28 20.93 24.99
N SER A 103 6.26 19.72 25.57
CA SER A 103 6.74 19.48 26.93
C SER A 103 8.23 19.08 26.94
N GLY A 104 8.87 18.97 25.76
CA GLY A 104 10.26 18.55 25.72
C GLY A 104 10.48 17.17 26.33
N GLY A 105 9.48 16.29 26.23
CA GLY A 105 9.61 14.94 26.71
C GLY A 105 8.93 14.67 28.06
N LYS A 106 8.51 15.71 28.77
CA LYS A 106 7.97 15.50 30.13
C LYS A 106 6.61 14.78 30.12
N SER A 107 5.86 14.78 29.00
CA SER A 107 4.59 14.10 28.88
C SER A 107 4.69 12.72 28.21
N ASP A 108 5.91 12.25 27.96
CA ASP A 108 6.09 10.98 27.22
C ASP A 108 5.45 9.84 28.03
N PHE A 109 4.68 8.98 27.34
CA PHE A 109 3.96 7.91 28.01
C PHE A 109 4.90 6.97 28.74
N HIS A 110 6.16 6.86 28.28
CA HIS A 110 7.11 5.92 28.82
C HIS A 110 8.23 6.60 29.59
N TYR A 111 8.75 7.72 29.07
CA TYR A 111 10.03 8.33 29.52
C TYR A 111 9.79 9.64 30.31
N ALA A 112 8.55 9.90 30.73
CA ALA A 112 8.21 11.13 31.50
C ALA A 112 9.13 11.30 32.71
N ASN A 113 9.50 10.18 33.36
CA ASN A 113 10.32 10.25 34.59
C ASN A 113 11.79 9.91 34.32
N ASP A 114 12.25 10.02 33.07
CA ASP A 114 13.65 9.82 32.71
C ASP A 114 14.22 11.12 32.11
N SER A 115 14.84 11.95 32.97
CA SER A 115 15.27 13.28 32.56
C SER A 115 16.37 13.25 31.48
N SER A 116 17.03 12.09 31.31
CA SER A 116 18.05 11.90 30.30
C SER A 116 17.46 11.93 28.88
N THR A 117 16.12 11.85 28.79
CA THR A 117 15.42 11.83 27.50
C THR A 117 14.77 13.17 27.18
N TYR A 118 14.88 14.17 28.08
CA TYR A 118 14.22 15.43 27.85
C TYR A 118 15.00 16.24 26.82
N PHE A 119 14.31 17.20 26.20
CA PHE A 119 14.92 18.07 25.20
C PHE A 119 14.23 19.43 25.22
N THR A 120 14.80 20.40 24.50
CA THR A 120 14.30 21.78 24.50
C THR A 120 12.87 21.84 23.99
N GLN A 121 12.00 22.51 24.76
CA GLN A 121 10.63 22.79 24.37
C GLN A 121 10.60 23.69 23.12
N SER A 122 9.60 23.44 22.27
CA SER A 122 9.39 24.25 21.08
C SER A 122 7.89 24.32 20.84
N THR A 123 7.47 25.23 19.95
CA THR A 123 6.09 25.28 19.55
C THR A 123 5.96 24.63 18.17
N VAL A 124 4.78 24.08 17.94
CA VAL A 124 4.42 23.46 16.67
C VAL A 124 3.59 24.47 15.86
N ASP A 125 4.05 24.72 14.64
CA ASP A 125 3.40 25.69 13.75
C ASP A 125 2.19 25.09 13.02
N LYS A 126 2.19 23.79 12.72
CA LYS A 126 1.06 23.14 12.14
C LYS A 126 0.94 21.73 12.67
N VAL A 127 -0.23 21.43 13.24
CA VAL A 127 -0.54 20.10 13.72
C VAL A 127 -1.02 19.24 12.55
N LEU A 128 -0.40 18.08 12.39
CA LEU A 128 -0.77 17.17 11.28
C LEU A 128 -1.66 16.03 11.75
N HIS A 129 -2.26 15.35 10.75
CA HIS A 129 -3.18 14.24 10.99
C HIS A 129 -2.87 13.12 10.01
N ASP A 130 -3.38 11.93 10.29
CA ASP A 130 -3.12 10.76 9.46
C ASP A 130 -3.55 11.03 8.02
N GLY A 131 -2.64 10.80 7.07
CA GLY A 131 -2.92 10.92 5.65
C GLY A 131 -2.81 12.35 5.13
N GLU A 132 -2.45 13.32 5.99
CA GLU A 132 -2.35 14.72 5.59
C GLU A 132 -1.08 14.96 4.75
N ARG A 133 -1.20 15.84 3.75
CA ARG A 133 -0.07 16.15 2.86
C ARG A 133 0.70 17.38 3.38
N VAL A 134 2.00 17.37 3.11
CA VAL A 134 2.87 18.50 3.28
C VAL A 134 3.43 18.82 1.90
N GLU A 135 3.11 20.02 1.40
CA GLU A 135 3.35 20.38 0.00
C GLU A 135 4.24 21.64 -0.04
N LEU A 136 5.27 21.62 -0.89
CA LEU A 136 6.10 22.79 -1.11
C LEU A 136 6.67 22.72 -2.51
N GLY A 137 6.44 23.79 -3.30
CA GLY A 137 7.05 23.89 -4.61
C GLY A 137 6.68 22.73 -5.54
N GLY A 138 5.49 22.14 -5.34
CA GLY A 138 5.02 21.03 -6.17
C GLY A 138 5.40 19.66 -5.63
N THR A 139 6.32 19.59 -4.67
CA THR A 139 6.64 18.33 -4.03
C THR A 139 5.57 18.01 -2.96
N VAL A 140 5.13 16.75 -2.89
CA VAL A 140 4.04 16.33 -2.00
C VAL A 140 4.54 15.17 -1.13
N LEU A 141 4.61 15.40 0.19
CA LEU A 141 4.92 14.36 1.18
C LEU A 141 3.59 14.00 1.86
N THR A 142 3.44 12.74 2.24
CA THR A 142 2.25 12.30 2.97
C THR A 142 2.65 11.74 4.32
N ALA A 143 1.97 12.21 5.37
CA ALA A 143 2.17 11.76 6.75
C ALA A 143 1.26 10.57 7.04
N HIS A 144 1.86 9.41 7.33
CA HIS A 144 1.10 8.24 7.71
C HIS A 144 1.30 7.99 9.20
N LEU A 145 0.21 7.95 9.95
CA LEU A 145 0.27 7.60 11.36
C LEU A 145 0.54 6.10 11.47
N THR A 146 1.71 5.79 12.03
CA THR A 146 2.11 4.42 12.30
C THR A 146 2.51 4.36 13.78
N PRO A 147 1.50 4.37 14.67
CA PRO A 147 1.76 4.54 16.09
C PRO A 147 2.21 3.26 16.80
N GLY A 148 2.64 3.46 18.05
CA GLY A 148 3.11 2.39 18.92
C GLY A 148 4.44 2.76 19.55
N HIS A 149 5.46 2.94 18.70
CA HIS A 149 6.78 3.38 19.15
C HIS A 149 6.68 4.73 19.87
N THR A 150 5.93 5.66 19.26
CA THR A 150 5.38 6.81 19.95
C THR A 150 3.92 6.92 19.55
N ARG A 151 3.15 7.72 20.28
CA ARG A 151 1.72 7.82 20.02
C ARG A 151 1.48 8.37 18.60
N GLY A 152 2.38 9.26 18.14
CA GLY A 152 2.21 9.94 16.87
C GLY A 152 3.29 9.63 15.84
N CYS A 153 3.97 8.50 15.98
CA CYS A 153 5.04 8.15 15.06
C CYS A 153 4.53 8.23 13.63
N THR A 154 5.33 8.89 12.77
CA THR A 154 4.96 9.24 11.41
C THR A 154 5.89 8.52 10.45
N THR A 155 5.30 7.82 9.49
CA THR A 155 6.01 7.27 8.35
C THR A 155 5.72 8.21 7.18
N TRP A 156 6.77 8.79 6.62
CA TRP A 156 6.66 9.80 5.57
C TRP A 156 6.83 9.14 4.21
N THR A 157 5.94 9.46 3.26
CA THR A 157 6.06 8.92 1.91
C THR A 157 6.05 10.04 0.89
N MET A 158 6.73 9.76 -0.23
CA MET A 158 6.68 10.64 -1.39
C MET A 158 7.01 9.82 -2.63
N LYS A 159 6.58 10.32 -3.80
CA LYS A 159 6.91 9.71 -5.09
C LYS A 159 8.07 10.48 -5.72
N LEU A 160 9.09 9.74 -6.17
CA LEU A 160 10.32 10.32 -6.71
C LEU A 160 10.49 9.80 -8.14
N LYS A 161 10.88 10.69 -9.06
CA LYS A 161 11.28 10.26 -10.40
C LYS A 161 12.81 10.15 -10.41
N ASP A 162 13.32 8.99 -10.84
CA ASP A 162 14.77 8.67 -10.89
C ASP A 162 15.05 7.87 -12.17
N HIS A 163 15.95 8.41 -13.00
CA HIS A 163 16.33 7.78 -14.28
C HIS A 163 15.06 7.46 -15.09
N GLY A 164 14.12 8.42 -15.11
CA GLY A 164 12.91 8.35 -15.94
C GLY A 164 11.81 7.48 -15.35
N LYS A 165 12.04 6.90 -14.17
CA LYS A 165 11.14 5.90 -13.57
C LYS A 165 10.58 6.42 -12.23
N GLN A 166 9.42 5.89 -11.84
CA GLN A 166 8.65 6.34 -10.67
C GLN A 166 8.90 5.40 -9.49
N TYR A 167 9.18 5.97 -8.32
CA TYR A 167 9.39 5.15 -7.12
C TYR A 167 8.69 5.78 -5.93
N GLN A 168 8.03 4.97 -5.09
CA GLN A 168 7.52 5.43 -3.79
C GLN A 168 8.65 5.28 -2.74
N ALA A 169 9.04 6.43 -2.16
CA ALA A 169 9.96 6.48 -1.04
C ALA A 169 9.17 6.44 0.26
N VAL A 170 9.67 5.66 1.20
CA VAL A 170 9.05 5.45 2.48
C VAL A 170 10.13 5.64 3.55
N ILE A 171 9.95 6.66 4.40
CA ILE A 171 10.82 6.84 5.57
C ILE A 171 10.08 6.26 6.79
N ILE A 172 10.39 5.00 7.13
CA ILE A 172 9.74 4.30 8.23
C ILE A 172 10.06 5.05 9.53
N GLY A 173 9.03 5.48 10.24
CA GLY A 173 9.24 6.29 11.46
C GLY A 173 9.94 5.57 12.60
N SER A 174 9.52 4.33 12.78
CA SER A 174 9.94 3.23 13.71
C SER A 174 8.71 2.43 14.15
N ILE A 175 8.85 1.10 14.14
CA ILE A 175 7.84 0.19 14.77
C ILE A 175 8.59 -0.71 15.77
N GLY A 176 9.72 -0.21 16.29
CA GLY A 176 10.46 -0.93 17.30
C GLY A 176 9.80 -0.85 18.66
N VAL A 177 9.91 -1.94 19.42
CA VAL A 177 9.47 -1.96 20.81
C VAL A 177 10.71 -1.70 21.66
N ASN A 178 10.78 -0.55 22.33
CA ASN A 178 11.96 -0.22 23.13
C ASN A 178 12.02 -1.11 24.37
N PRO A 179 13.24 -1.42 24.84
CA PRO A 179 13.42 -2.21 26.05
C PRO A 179 12.66 -1.61 27.23
N GLY A 180 11.77 -2.41 27.83
CA GLY A 180 11.01 -1.95 28.97
C GLY A 180 9.60 -1.47 28.64
N TYR A 181 9.29 -1.30 27.37
CA TYR A 181 7.93 -0.89 27.00
C TYR A 181 6.96 -1.96 27.49
N LYS A 182 5.78 -1.59 28.02
CA LYS A 182 4.77 -2.57 28.49
C LYS A 182 3.65 -2.65 27.43
N LEU A 183 3.43 -3.85 26.90
CA LEU A 183 2.43 -4.02 25.82
C LEU A 183 1.08 -4.54 26.32
N VAL A 184 1.02 -4.97 27.57
CA VAL A 184 -0.18 -5.57 28.15
C VAL A 184 -0.58 -4.70 29.35
N ASP A 185 -1.82 -4.21 29.33
CA ASP A 185 -2.36 -3.38 30.42
C ASP A 185 -1.43 -2.19 30.72
N ASN A 186 -0.98 -1.50 29.64
CA ASN A 186 -0.18 -0.30 29.80
C ASN A 186 -1.04 0.78 30.45
N ILE A 187 -0.51 1.36 31.55
CA ILE A 187 -1.29 2.29 32.38
C ILE A 187 -1.46 3.65 31.71
N THR A 188 -0.42 4.15 31.01
CA THR A 188 -0.47 5.50 30.45
C THR A 188 -0.94 5.50 28.99
N TYR A 189 -0.71 4.39 28.27
CA TYR A 189 -0.97 4.26 26.83
C TYR A 189 -1.66 2.93 26.58
N PRO A 190 -2.93 2.76 27.00
CA PRO A 190 -3.57 1.46 26.93
C PRO A 190 -3.66 0.84 25.52
N LYS A 191 -3.72 1.69 24.50
CA LYS A 191 -3.89 1.17 23.11
C LYS A 191 -2.53 0.89 22.45
N ILE A 192 -1.43 0.88 23.22
CA ILE A 192 -0.09 0.71 22.63
C ILE A 192 -0.06 -0.52 21.70
N ALA A 193 -0.51 -1.70 22.17
CA ALA A 193 -0.41 -2.93 21.35
C ALA A 193 -1.35 -2.83 20.13
N GLU A 194 -2.56 -2.27 20.32
CA GLU A 194 -3.49 -2.12 19.20
CA GLU A 194 -3.51 -2.07 19.21
C GLU A 194 -2.86 -1.19 18.14
N ASP A 195 -2.13 -0.18 18.60
CA ASP A 195 -1.47 0.79 17.74
C ASP A 195 -0.36 0.13 16.91
N TYR A 196 0.51 -0.65 17.56
CA TYR A 196 1.55 -1.40 16.83
C TYR A 196 0.89 -2.31 15.77
N LYS A 197 -0.20 -2.97 16.15
CA LYS A 197 -0.87 -3.89 15.21
C LYS A 197 -1.41 -3.14 13.99
N HIS A 198 -1.96 -1.96 14.23
CA HIS A 198 -2.41 -1.11 13.15
C HIS A 198 -1.24 -0.71 12.26
N SER A 199 -0.11 -0.32 12.87
CA SER A 199 1.07 0.05 12.11
C SER A 199 1.52 -1.11 11.21
N ILE A 200 1.52 -2.30 11.77
CA ILE A 200 1.91 -3.50 10.99
C ILE A 200 0.98 -3.67 9.79
N LYS A 201 -0.33 -3.56 10.03
CA LYS A 201 -1.28 -3.71 8.93
C LYS A 201 -1.00 -2.66 7.83
N VAL A 202 -0.82 -1.40 8.23
CA VAL A 202 -0.57 -0.29 7.27
C VAL A 202 0.72 -0.56 6.49
N LEU A 203 1.81 -0.87 7.21
CA LEU A 203 3.11 -1.00 6.55
C LEU A 203 3.18 -2.25 5.66
N GLU A 204 2.55 -3.35 6.07
CA GLU A 204 2.54 -4.59 5.27
C GLU A 204 1.82 -4.38 3.93
N SER A 205 0.89 -3.43 3.86
CA SER A 205 0.13 -3.26 2.62
C SER A 205 0.61 -2.04 1.83
N MET A 206 1.72 -1.40 2.26
CA MET A 206 2.23 -0.14 1.70
C MET A 206 3.26 -0.43 0.60
N ARG A 207 3.06 0.20 -0.57
CA ARG A 207 4.07 0.19 -1.62
C ARG A 207 5.35 0.85 -1.08
N CYS A 208 6.46 0.16 -1.27
CA CYS A 208 7.75 0.63 -0.72
C CYS A 208 8.85 0.29 -1.74
N ASP A 209 9.29 1.29 -2.48
CA ASP A 209 10.35 1.11 -3.48
C ASP A 209 11.68 1.61 -2.89
N ILE A 210 11.72 2.86 -2.44
CA ILE A 210 12.93 3.44 -1.86
C ILE A 210 12.78 3.41 -0.34
N PHE A 211 13.56 2.51 0.26
CA PHE A 211 13.42 2.05 1.62
C PHE A 211 14.31 2.89 2.55
N LEU A 212 13.69 3.71 3.39
CA LEU A 212 14.44 4.60 4.29
C LEU A 212 13.85 4.48 5.70
N GLY A 213 14.47 5.20 6.65
CA GLY A 213 14.07 5.12 8.03
C GLY A 213 14.71 6.19 8.87
N SER A 214 14.22 6.27 10.11
CA SER A 214 14.71 7.26 11.08
C SER A 214 16.14 6.95 11.56
N HIS A 215 16.58 5.69 11.43
CA HIS A 215 17.93 5.28 11.74
C HIS A 215 18.56 4.58 10.52
N ALA A 216 19.82 4.92 10.28
CA ALA A 216 20.64 4.37 9.19
C ALA A 216 20.63 2.84 9.18
N GLY A 217 20.72 2.22 10.36
CA GLY A 217 20.81 0.79 10.48
C GLY A 217 19.54 0.06 10.03
N MET A 218 18.40 0.75 9.99
CA MET A 218 17.15 0.11 9.57
C MET A 218 17.25 -0.33 8.12
N PHE A 219 17.93 0.49 7.29
CA PHE A 219 17.83 0.33 5.84
C PHE A 219 19.20 0.14 5.20
N ASP A 220 20.24 -0.14 6.00
CA ASP A 220 21.57 -0.52 5.43
C ASP A 220 22.21 0.67 4.72
N LEU A 221 22.13 1.86 5.31
CA LEU A 221 22.70 3.10 4.73
C LEU A 221 24.15 2.88 4.29
N LYS A 222 24.98 2.38 5.21
CA LYS A 222 26.42 2.35 4.92
C LYS A 222 26.75 1.49 3.69
N ASN A 223 26.25 0.25 3.63
CA ASN A 223 26.57 -0.64 2.51
C ASN A 223 25.96 -0.10 1.21
N LYS A 224 24.75 0.48 1.30
CA LYS A 224 24.13 1.02 0.10
C LYS A 224 24.90 2.25 -0.40
N TYR A 225 25.37 3.11 0.50
CA TYR A 225 26.16 4.28 0.11
C TYR A 225 27.43 3.84 -0.62
N VAL A 226 28.09 2.80 -0.10
CA VAL A 226 29.25 2.24 -0.78
C VAL A 226 28.87 1.81 -2.20
N LEU A 227 27.73 1.13 -2.39
CA LEU A 227 27.30 0.73 -3.74
C LEU A 227 27.05 1.97 -4.61
N LEU A 228 26.45 3.01 -4.03
CA LEU A 228 26.17 4.22 -4.79
C LEU A 228 27.47 4.89 -5.24
N SER A 229 28.46 4.97 -4.35
CA SER A 229 29.77 5.56 -4.69
C SER A 229 30.43 4.76 -5.81
N LYS A 230 30.19 3.44 -5.86
CA LYS A 230 30.73 2.56 -6.91
C LYS A 230 29.97 2.73 -8.24
N GLY A 231 28.85 3.48 -8.24
CA GLY A 231 28.09 3.79 -9.46
C GLY A 231 26.95 2.83 -9.72
N GLN A 232 26.56 2.04 -8.73
CA GLN A 232 25.47 1.07 -8.95
C GLN A 232 24.13 1.81 -9.14
N ASN A 233 23.26 1.23 -9.99
CA ASN A 233 21.85 1.65 -10.24
C ASN A 233 21.20 1.56 -8.90
N ASN A 234 20.52 2.61 -8.64
CA ASN A 234 20.11 3.10 -7.32
C ASN A 234 19.99 2.00 -6.29
N PRO A 235 21.01 1.81 -5.45
CA PRO A 235 20.91 0.81 -4.40
C PRO A 235 19.89 1.13 -3.29
N PHE A 236 19.37 2.37 -3.28
CA PHE A 236 18.35 2.73 -2.31
C PHE A 236 16.97 2.29 -2.81
N VAL A 237 16.86 1.87 -4.06
CA VAL A 237 15.65 1.15 -4.54
C VAL A 237 15.79 -0.29 -4.05
N ASP A 238 15.00 -0.62 -3.01
CA ASP A 238 15.15 -1.88 -2.31
C ASP A 238 13.80 -2.35 -1.80
N PRO A 239 12.84 -2.66 -2.69
CA PRO A 239 11.54 -3.14 -2.26
C PRO A 239 11.56 -4.45 -1.48
N THR A 240 12.49 -5.37 -1.82
CA THR A 240 12.58 -6.62 -1.11
C THR A 240 13.06 -6.37 0.32
N GLY A 241 14.08 -5.52 0.48
CA GLY A 241 14.57 -5.19 1.81
C GLY A 241 13.50 -4.52 2.65
N CYS A 242 12.70 -3.66 2.02
CA CYS A 242 11.62 -2.97 2.71
C CYS A 242 10.57 -3.99 3.22
N LYS A 243 10.13 -4.87 2.32
CA LYS A 243 9.15 -5.94 2.67
C LYS A 243 9.68 -6.77 3.84
N ASN A 244 10.95 -7.18 3.74
CA ASN A 244 11.51 -8.10 4.71
C ASN A 244 11.71 -7.40 6.05
N TYR A 245 12.09 -6.11 6.02
CA TYR A 245 12.30 -5.36 7.27
C TYR A 245 10.98 -5.17 8.01
N ILE A 246 9.95 -4.75 7.29
CA ILE A 246 8.62 -4.62 7.90
C ILE A 246 8.17 -5.95 8.49
N GLU A 247 8.32 -7.04 7.75
CA GLU A 247 7.92 -8.36 8.26
C GLU A 247 8.74 -8.75 9.51
N GLN A 248 10.04 -8.46 9.51
CA GLN A 248 10.90 -8.75 10.64
C GLN A 248 10.44 -7.97 11.88
N LYS A 249 10.16 -6.66 11.72
CA LYS A 249 9.74 -5.85 12.85
C LYS A 249 8.35 -6.28 13.31
N ALA A 250 7.48 -6.73 12.40
CA ALA A 250 6.17 -7.25 12.81
C ALA A 250 6.38 -8.50 13.66
N ASN A 251 7.28 -9.39 13.21
CA ASN A 251 7.58 -10.60 13.96
C ASN A 251 8.19 -10.24 15.32
N ASP A 252 9.11 -9.26 15.36
CA ASP A 252 9.74 -8.81 16.61
C ASP A 252 8.68 -8.33 17.60
N PHE A 253 7.67 -7.60 17.11
CA PHE A 253 6.61 -7.11 17.96
C PHE A 253 5.86 -8.29 18.59
N TYR A 254 5.48 -9.27 17.76
CA TYR A 254 4.74 -10.42 18.26
C TYR A 254 5.60 -11.31 19.16
N THR A 255 6.90 -11.37 18.89
CA THR A 255 7.82 -12.07 19.78
C THR A 255 7.83 -11.42 21.17
N GLU A 256 7.87 -10.09 21.21
CA GLU A 256 7.91 -9.36 22.49
C GLU A 256 6.55 -9.49 23.20
N LEU A 257 5.46 -9.47 22.42
CA LEU A 257 4.15 -9.65 22.98
C LEU A 257 4.03 -11.04 23.60
N LYS A 258 4.49 -12.07 22.88
CA LYS A 258 4.53 -13.45 23.42
C LYS A 258 5.31 -13.49 24.74
N LYS A 259 6.48 -12.84 24.76
CA LYS A 259 7.31 -12.86 26.00
C LYS A 259 6.52 -12.24 27.16
N GLN A 260 5.83 -11.12 26.89
CA GLN A 260 5.12 -10.41 27.97
C GLN A 260 3.88 -11.18 28.43
N GLU A 261 3.24 -11.93 27.54
CA GLU A 261 2.02 -12.66 27.85
C GLU A 261 2.30 -14.05 28.40
N THR A 262 3.41 -14.69 28.05
CA THR A 262 3.57 -16.13 28.34
C THR A 262 4.93 -16.45 28.98
N GLY A 263 5.85 -15.47 29.03
CA GLY A 263 7.22 -15.68 29.50
C GLY A 263 7.37 -15.42 31.01
N ALA B 1 -20.82 -8.95 -30.56
CA ALA B 1 -20.89 -9.87 -29.38
C ALA B 1 -19.53 -9.92 -28.69
N TYR B 2 -19.53 -10.27 -27.39
CA TYR B 2 -18.28 -10.44 -26.65
C TYR B 2 -17.54 -11.63 -27.26
N PRO B 3 -16.23 -11.51 -27.61
CA PRO B 3 -15.51 -12.66 -28.18
C PRO B 3 -15.44 -13.85 -27.20
N MET B 4 -15.90 -15.02 -27.65
CA MET B 4 -15.95 -16.20 -26.79
C MET B 4 -14.53 -16.52 -26.36
N PRO B 5 -14.25 -16.55 -25.04
CA PRO B 5 -12.95 -17.03 -24.58
C PRO B 5 -12.68 -18.49 -24.95
N ASN B 6 -11.40 -18.83 -24.99
CA ASN B 6 -10.93 -20.17 -25.22
C ASN B 6 -10.50 -20.78 -23.90
N PRO B 7 -10.51 -22.11 -23.76
CA PRO B 7 -10.01 -22.74 -22.54
C PRO B 7 -8.52 -22.45 -22.33
N PHE B 8 -8.13 -22.49 -21.05
CA PHE B 8 -6.78 -22.24 -20.65
C PHE B 8 -6.43 -23.31 -19.63
N PRO B 9 -5.21 -23.86 -19.63
CA PRO B 9 -4.84 -24.89 -18.66
C PRO B 9 -4.80 -24.32 -17.24
N PRO B 10 -5.47 -24.95 -16.27
CA PRO B 10 -5.44 -24.46 -14.90
C PRO B 10 -4.09 -24.74 -14.25
N PHE B 11 -3.70 -23.94 -13.24
CA PHE B 11 -2.38 -24.08 -12.65
C PHE B 11 -2.37 -23.37 -11.29
N ARG B 12 -1.40 -23.75 -10.47
CA ARG B 12 -1.17 -23.05 -9.20
C ARG B 12 -0.37 -21.77 -9.45
N ILE B 13 -0.89 -20.64 -8.97
CA ILE B 13 -0.20 -19.34 -9.11
C ILE B 13 0.86 -19.22 -8.02
N ALA B 14 0.43 -19.40 -6.77
CA ALA B 14 1.29 -19.27 -5.58
C ALA B 14 0.49 -19.72 -4.37
N GLY B 15 1.15 -20.32 -3.38
CA GLY B 15 0.44 -20.76 -2.18
C GLY B 15 -0.76 -21.63 -2.55
N ASN B 16 -1.93 -21.25 -2.02
CA ASN B 16 -3.18 -21.96 -2.24
C ASN B 16 -4.08 -21.23 -3.24
N LEU B 17 -3.49 -20.40 -4.12
CA LEU B 17 -4.24 -19.66 -5.13
C LEU B 17 -3.94 -20.27 -6.49
N TYR B 18 -5.01 -20.65 -7.19
CA TYR B 18 -4.95 -21.32 -8.49
C TYR B 18 -5.70 -20.49 -9.52
N TYR B 19 -5.24 -20.62 -10.77
CA TYR B 19 -5.92 -20.08 -11.93
C TYR B 19 -6.86 -21.15 -12.50
N VAL B 20 -8.15 -20.81 -12.63
CA VAL B 20 -9.14 -21.71 -13.22
C VAL B 20 -9.96 -20.99 -14.28
N GLY B 21 -9.38 -19.97 -14.90
CA GLY B 21 -10.08 -19.17 -15.88
C GLY B 21 -9.76 -19.58 -17.30
N THR B 22 -10.05 -18.65 -18.21
CA THR B 22 -9.96 -18.83 -19.63
C THR B 22 -8.73 -18.07 -20.16
N ASP B 23 -8.62 -17.97 -21.50
CA ASP B 23 -7.50 -17.22 -22.05
C ASP B 23 -7.77 -15.70 -22.03
N ASP B 24 -8.92 -15.28 -21.50
CA ASP B 24 -9.29 -13.86 -21.41
C ASP B 24 -9.90 -13.58 -20.04
N LEU B 25 -11.13 -14.01 -19.84
CA LEU B 25 -11.84 -13.82 -18.59
C LEU B 25 -11.14 -14.68 -17.52
N ALA B 26 -10.63 -14.02 -16.47
CA ALA B 26 -9.78 -14.65 -15.45
C ALA B 26 -10.59 -15.03 -14.21
N SER B 27 -10.42 -16.30 -13.77
CA SER B 27 -11.09 -16.84 -12.58
C SER B 27 -10.05 -17.50 -11.69
N TYR B 28 -10.30 -17.45 -10.38
CA TYR B 28 -9.34 -17.86 -9.39
C TYR B 28 -10.01 -18.80 -8.39
N LEU B 29 -9.28 -19.83 -7.97
CA LEU B 29 -9.72 -20.77 -6.95
C LEU B 29 -8.75 -20.70 -5.77
N ILE B 30 -9.31 -20.47 -4.58
CA ILE B 30 -8.53 -20.48 -3.37
C ILE B 30 -8.95 -21.73 -2.59
N VAL B 31 -7.98 -22.61 -2.30
CA VAL B 31 -8.25 -23.95 -1.76
C VAL B 31 -7.85 -23.96 -0.29
N THR B 32 -8.84 -24.31 0.57
CA THR B 32 -8.63 -24.36 2.01
C THR B 32 -9.10 -25.69 2.57
N PRO B 33 -8.64 -26.05 3.79
CA PRO B 33 -9.14 -27.26 4.45
C PRO B 33 -10.65 -27.27 4.72
N ARG B 34 -11.30 -26.09 4.64
CA ARG B 34 -12.74 -26.00 4.92
C ARG B 34 -13.52 -25.68 3.63
N GLY B 35 -12.89 -25.89 2.47
CA GLY B 35 -13.54 -25.70 1.20
C GLY B 35 -12.87 -24.61 0.39
N ASN B 36 -13.47 -24.29 -0.76
CA ASN B 36 -12.79 -23.43 -1.75
C ASN B 36 -13.58 -22.13 -2.00
N ILE B 37 -12.84 -21.08 -2.40
CA ILE B 37 -13.40 -19.81 -2.84
C ILE B 37 -13.14 -19.68 -4.33
N LEU B 38 -14.19 -19.37 -5.09
CA LEU B 38 -14.09 -19.09 -6.52
C LEU B 38 -14.33 -17.61 -6.78
N ILE B 39 -13.46 -17.00 -7.60
CA ILE B 39 -13.61 -15.56 -7.97
C ILE B 39 -13.85 -15.49 -9.48
N ASN B 40 -14.96 -14.87 -9.88
CA ASN B 40 -15.42 -14.65 -11.29
C ASN B 40 -16.10 -15.88 -11.89
N SER B 41 -17.37 -15.74 -12.20
CA SER B 41 -18.20 -16.83 -12.78
C SER B 41 -18.17 -16.76 -14.32
N ASP B 42 -17.69 -15.64 -14.88
CA ASP B 42 -17.49 -15.47 -16.34
C ASP B 42 -18.82 -15.60 -17.09
N LEU B 43 -18.76 -16.02 -18.36
CA LEU B 43 -20.00 -16.21 -19.15
C LEU B 43 -20.63 -17.55 -18.79
N GLU B 44 -21.92 -17.68 -19.07
CA GLU B 44 -22.60 -18.98 -18.82
C GLU B 44 -21.84 -20.12 -19.50
N ALA B 45 -21.36 -19.89 -20.73
CA ALA B 45 -20.60 -20.89 -21.50
C ALA B 45 -19.30 -21.28 -20.81
N ASN B 46 -18.79 -20.43 -19.89
CA ASN B 46 -17.53 -20.72 -19.24
C ASN B 46 -17.75 -21.54 -17.95
N VAL B 47 -18.97 -21.67 -17.46
CA VAL B 47 -19.20 -22.39 -16.18
C VAL B 47 -18.72 -23.84 -16.30
N PRO B 48 -19.07 -24.62 -17.36
CA PRO B 48 -18.51 -25.96 -17.47
C PRO B 48 -16.97 -25.96 -17.61
N MET B 49 -16.38 -24.89 -18.18
CA MET B 49 -14.93 -24.78 -18.30
C MET B 49 -14.31 -24.62 -16.92
N ILE B 50 -14.91 -23.74 -16.11
CA ILE B 50 -14.42 -23.53 -14.72
C ILE B 50 -14.51 -24.85 -13.93
N LYS B 51 -15.66 -25.52 -14.02
CA LYS B 51 -15.85 -26.83 -13.37
C LYS B 51 -14.75 -27.80 -13.82
N ALA B 52 -14.51 -27.89 -15.14
CA ALA B 52 -13.52 -28.82 -15.66
C ALA B 52 -12.12 -28.46 -15.14
N SER B 53 -11.81 -27.16 -15.08
CA SER B 53 -10.49 -26.71 -14.61
C SER B 53 -10.29 -27.10 -13.14
N ILE B 54 -11.31 -26.87 -12.32
CA ILE B 54 -11.25 -27.20 -10.92
C ILE B 54 -10.97 -28.71 -10.76
N LYS B 55 -11.70 -29.53 -11.52
CA LYS B 55 -11.59 -30.99 -11.43
C LYS B 55 -10.24 -31.47 -11.98
N LYS B 56 -9.72 -30.80 -13.01
CA LYS B 56 -8.43 -31.12 -13.58
C LYS B 56 -7.32 -30.97 -12.54
N LEU B 57 -7.45 -29.94 -11.66
CA LEU B 57 -6.49 -29.71 -10.59
C LEU B 57 -6.64 -30.74 -9.46
N GLY B 58 -7.70 -31.55 -9.50
CA GLY B 58 -7.93 -32.60 -8.49
C GLY B 58 -8.85 -32.16 -7.37
N PHE B 59 -9.52 -31.01 -7.52
CA PHE B 59 -10.44 -30.50 -6.54
C PHE B 59 -11.86 -30.86 -6.96
N LYS B 60 -12.81 -30.66 -6.04
CA LYS B 60 -14.20 -30.94 -6.28
C LYS B 60 -14.95 -29.63 -6.49
N PHE B 61 -15.74 -29.57 -7.56
CA PHE B 61 -16.59 -28.43 -7.81
C PHE B 61 -17.58 -28.25 -6.64
N SER B 62 -18.07 -29.37 -6.08
CA SER B 62 -19.00 -29.36 -4.98
C SER B 62 -18.39 -28.75 -3.70
N ASP B 63 -17.06 -28.58 -3.65
CA ASP B 63 -16.42 -27.98 -2.48
C ASP B 63 -16.36 -26.44 -2.60
N THR B 64 -16.96 -25.86 -3.64
CA THR B 64 -16.99 -24.39 -3.77
C THR B 64 -17.95 -23.81 -2.73
N LYS B 65 -17.42 -23.16 -1.70
CA LYS B 65 -18.21 -22.65 -0.58
C LYS B 65 -18.63 -21.20 -0.78
N ILE B 66 -17.80 -20.41 -1.47
CA ILE B 66 -17.94 -18.95 -1.58
C ILE B 66 -17.65 -18.55 -3.02
N LEU B 67 -18.51 -17.70 -3.58
CA LEU B 67 -18.34 -17.11 -4.91
C LEU B 67 -18.21 -15.59 -4.77
N LEU B 68 -17.11 -15.04 -5.30
CA LEU B 68 -16.81 -13.62 -5.37
C LEU B 68 -16.67 -13.21 -6.82
N ILE B 69 -16.68 -11.90 -7.06
CA ILE B 69 -16.47 -11.33 -8.39
C ILE B 69 -15.54 -10.12 -8.27
N SER B 70 -14.91 -9.80 -9.40
CA SER B 70 -14.12 -8.57 -9.53
C SER B 70 -15.03 -7.35 -9.63
N HIS B 71 -16.05 -7.44 -10.48
CA HIS B 71 -17.01 -6.35 -10.63
C HIS B 71 -18.25 -6.85 -11.37
N ALA B 72 -19.34 -6.07 -11.26
CA ALA B 72 -20.65 -6.46 -11.79
C ALA B 72 -20.81 -6.06 -13.26
N HIS B 73 -20.13 -6.79 -14.15
CA HIS B 73 -20.38 -6.81 -15.60
C HIS B 73 -20.58 -8.26 -16.02
N PHE B 74 -21.32 -8.47 -17.10
CA PHE B 74 -21.66 -9.81 -17.55
C PHE B 74 -20.43 -10.71 -17.76
N ASP B 75 -19.31 -10.14 -18.21
CA ASP B 75 -18.14 -10.93 -18.56
C ASP B 75 -17.48 -11.50 -17.30
N HIS B 76 -17.78 -10.96 -16.11
CA HIS B 76 -17.23 -11.49 -14.86
C HIS B 76 -18.28 -12.20 -14.01
N ALA B 77 -19.57 -11.92 -14.22
CA ALA B 77 -20.62 -12.31 -13.25
C ALA B 77 -21.79 -13.07 -13.90
N ALA B 78 -21.83 -13.23 -15.22
CA ALA B 78 -23.03 -13.83 -15.87
C ALA B 78 -23.26 -15.27 -15.39
N GLY B 79 -22.18 -15.99 -15.12
CA GLY B 79 -22.24 -17.42 -14.74
C GLY B 79 -22.69 -17.68 -13.31
N SER B 80 -22.93 -16.64 -12.50
CA SER B 80 -23.04 -16.79 -11.05
C SER B 80 -24.26 -17.65 -10.67
N GLU B 81 -25.40 -17.41 -11.31
CA GLU B 81 -26.61 -18.18 -10.96
C GLU B 81 -26.38 -19.69 -11.20
N LEU B 82 -25.79 -20.05 -12.35
CA LEU B 82 -25.46 -21.46 -12.63
C LEU B 82 -24.56 -22.03 -11.54
N ILE B 83 -23.54 -21.26 -11.13
CA ILE B 83 -22.61 -21.77 -10.10
C ILE B 83 -23.36 -22.00 -8.79
N LYS B 84 -24.22 -21.05 -8.41
CA LYS B 84 -25.04 -21.18 -7.19
C LYS B 84 -25.94 -22.42 -7.29
N GLN B 85 -26.57 -22.62 -8.44
CA GLN B 85 -27.49 -23.80 -8.63
C GLN B 85 -26.72 -25.11 -8.46
N GLN B 86 -25.50 -25.17 -9.00
CA GLN B 86 -24.74 -26.39 -9.15
C GLN B 86 -23.91 -26.71 -7.89
N THR B 87 -23.62 -25.69 -7.07
CA THR B 87 -22.70 -25.90 -5.92
C THR B 87 -23.27 -25.43 -4.59
N LYS B 88 -24.28 -24.56 -4.61
CA LYS B 88 -24.80 -23.90 -3.42
C LYS B 88 -23.75 -23.00 -2.75
N ALA B 89 -22.81 -22.49 -3.54
CA ALA B 89 -21.83 -21.54 -2.98
C ALA B 89 -22.54 -20.27 -2.51
N LYS B 90 -21.99 -19.58 -1.50
CA LYS B 90 -22.55 -18.31 -1.02
C LYS B 90 -21.94 -17.18 -1.84
N TYR B 91 -22.80 -16.34 -2.38
CA TYR B 91 -22.37 -15.26 -3.29
C TYR B 91 -22.21 -13.96 -2.49
N MET B 92 -21.00 -13.39 -2.51
CA MET B 92 -20.73 -12.20 -1.75
C MET B 92 -20.27 -11.11 -2.71
N VAL B 93 -20.87 -9.91 -2.57
CA VAL B 93 -20.68 -8.79 -3.53
C VAL B 93 -20.59 -7.46 -2.78
N MET B 94 -19.66 -6.61 -3.19
CA MET B 94 -19.51 -5.24 -2.72
C MET B 94 -20.83 -4.48 -2.87
N ASP B 95 -21.22 -3.81 -1.78
CA ASP B 95 -22.48 -3.06 -1.62
C ASP B 95 -22.85 -2.32 -2.90
N GLU B 96 -21.93 -1.50 -3.42
CA GLU B 96 -22.24 -0.59 -4.50
C GLU B 96 -22.59 -1.31 -5.81
N ASP B 97 -22.20 -2.59 -5.96
CA ASP B 97 -22.52 -3.36 -7.16
C ASP B 97 -23.72 -4.33 -6.98
N VAL B 98 -24.30 -4.41 -5.79
CA VAL B 98 -25.35 -5.38 -5.50
C VAL B 98 -26.56 -5.13 -6.41
N SER B 99 -26.95 -3.87 -6.61
CA SER B 99 -28.11 -3.58 -7.44
C SER B 99 -27.96 -4.18 -8.84
N VAL B 100 -26.78 -4.04 -9.44
CA VAL B 100 -26.56 -4.57 -10.76
C VAL B 100 -26.70 -6.10 -10.76
N ILE B 101 -26.15 -6.77 -9.74
CA ILE B 101 -26.24 -8.21 -9.67
C ILE B 101 -27.70 -8.66 -9.54
N LEU B 102 -28.46 -8.01 -8.66
CA LEU B 102 -29.86 -8.43 -8.43
C LEU B 102 -30.70 -8.21 -9.70
N SER B 103 -30.40 -7.15 -10.45
CA SER B 103 -31.17 -6.76 -11.62
C SER B 103 -30.63 -7.39 -12.91
N GLY B 104 -29.55 -8.17 -12.83
CA GLY B 104 -28.97 -8.77 -14.01
C GLY B 104 -28.55 -7.73 -15.04
N GLY B 105 -28.11 -6.55 -14.58
CA GLY B 105 -27.61 -5.53 -15.47
C GLY B 105 -28.58 -4.39 -15.74
N LYS B 106 -29.87 -4.57 -15.40
CA LYS B 106 -30.87 -3.55 -15.77
C LYS B 106 -30.69 -2.22 -15.02
N SER B 107 -30.01 -2.19 -13.87
CA SER B 107 -29.75 -0.99 -13.11
C SER B 107 -28.36 -0.37 -13.38
N ASP B 108 -27.63 -0.91 -14.35
CA ASP B 108 -26.25 -0.44 -14.59
C ASP B 108 -26.27 1.05 -14.96
N PHE B 109 -25.38 1.86 -14.34
CA PHE B 109 -25.33 3.30 -14.58
C PHE B 109 -25.12 3.63 -16.04
N HIS B 110 -24.48 2.74 -16.80
CA HIS B 110 -24.11 2.98 -18.16
C HIS B 110 -24.88 2.11 -19.16
N TYR B 111 -25.08 0.81 -18.83
CA TYR B 111 -25.54 -0.21 -19.79
C TYR B 111 -27.00 -0.64 -19.53
N ALA B 112 -27.73 0.12 -18.72
CA ALA B 112 -29.15 -0.19 -18.34
C ALA B 112 -30.00 -0.37 -19.60
N ASN B 113 -29.73 0.41 -20.65
CA ASN B 113 -30.57 0.38 -21.86
C ASN B 113 -29.90 -0.44 -22.98
N ASP B 114 -28.90 -1.30 -22.64
CA ASP B 114 -28.24 -2.18 -23.58
C ASP B 114 -28.50 -3.65 -23.19
N SER B 115 -29.52 -4.26 -23.81
CA SER B 115 -29.96 -5.61 -23.40
C SER B 115 -28.91 -6.69 -23.70
N SER B 116 -27.93 -6.40 -24.56
CA SER B 116 -26.83 -7.31 -24.89
C SER B 116 -25.89 -7.52 -23.68
N THR B 117 -26.02 -6.66 -22.67
CA THR B 117 -25.16 -6.72 -21.46
C THR B 117 -25.88 -7.35 -20.27
N TYR B 118 -27.18 -7.72 -20.42
CA TYR B 118 -27.92 -8.27 -19.34
C TYR B 118 -27.47 -9.72 -19.07
N PHE B 119 -27.72 -10.18 -17.86
CA PHE B 119 -27.34 -11.53 -17.47
C PHE B 119 -28.33 -12.05 -16.43
N THR B 120 -28.26 -13.35 -16.12
CA THR B 120 -29.21 -13.99 -15.24
C THR B 120 -29.18 -13.36 -13.85
N GLN B 121 -30.35 -12.98 -13.34
CA GLN B 121 -30.51 -12.46 -12.00
C GLN B 121 -30.14 -13.54 -10.96
N SER B 122 -29.57 -13.10 -9.85
CA SER B 122 -29.21 -13.96 -8.75
C SER B 122 -29.38 -13.16 -7.46
N THR B 123 -29.35 -13.84 -6.32
CA THR B 123 -29.39 -13.18 -5.05
C THR B 123 -27.98 -13.17 -4.43
N VAL B 124 -27.72 -12.16 -3.60
CA VAL B 124 -26.46 -11.99 -2.91
C VAL B 124 -26.63 -12.47 -1.46
N ASP B 125 -25.79 -13.42 -1.06
CA ASP B 125 -25.85 -14.01 0.30
C ASP B 125 -25.18 -13.13 1.36
N LYS B 126 -24.15 -12.35 1.00
CA LYS B 126 -23.54 -11.45 1.93
C LYS B 126 -23.07 -10.20 1.19
N VAL B 127 -23.52 -9.04 1.67
CA VAL B 127 -23.12 -7.76 1.13
C VAL B 127 -21.81 -7.34 1.78
N LEU B 128 -20.82 -7.01 0.94
CA LEU B 128 -19.51 -6.62 1.44
C LEU B 128 -19.30 -5.10 1.40
N HIS B 129 -18.26 -4.66 2.11
CA HIS B 129 -17.92 -3.25 2.24
C HIS B 129 -16.41 -3.08 2.09
N ASP B 130 -15.98 -1.85 1.85
CA ASP B 130 -14.58 -1.54 1.64
C ASP B 130 -13.74 -2.01 2.82
N GLY B 131 -12.71 -2.81 2.54
CA GLY B 131 -11.78 -3.26 3.54
C GLY B 131 -12.26 -4.50 4.30
N GLU B 132 -13.42 -5.03 3.94
CA GLU B 132 -13.99 -6.22 4.64
C GLU B 132 -13.24 -7.49 4.24
N ARG B 133 -13.05 -8.39 5.19
CA ARG B 133 -12.37 -9.65 4.94
C ARG B 133 -13.37 -10.76 4.59
N VAL B 134 -12.91 -11.67 3.72
CA VAL B 134 -13.58 -12.93 3.44
C VAL B 134 -12.62 -14.04 3.89
N GLU B 135 -13.06 -14.82 4.88
CA GLU B 135 -12.20 -15.79 5.56
C GLU B 135 -12.78 -17.20 5.41
N LEU B 136 -11.93 -18.17 5.07
CA LEU B 136 -12.33 -19.57 5.03
C LEU B 136 -11.10 -20.42 5.32
N GLY B 137 -11.22 -21.33 6.31
CA GLY B 137 -10.15 -22.29 6.57
C GLY B 137 -8.80 -21.65 6.89
N GLY B 138 -8.82 -20.43 7.45
CA GLY B 138 -7.61 -19.69 7.80
C GLY B 138 -7.09 -18.78 6.70
N THR B 139 -7.60 -18.92 5.48
CA THR B 139 -7.22 -18.03 4.38
C THR B 139 -8.04 -16.74 4.50
N VAL B 140 -7.39 -15.60 4.29
CA VAL B 140 -8.04 -14.27 4.47
C VAL B 140 -7.86 -13.45 3.19
N LEU B 141 -8.96 -13.15 2.51
CA LEU B 141 -8.99 -12.24 1.36
C LEU B 141 -9.55 -10.90 1.84
N THR B 142 -9.06 -9.79 1.29
CA THR B 142 -9.58 -8.47 1.64
C THR B 142 -10.17 -7.81 0.39
N ALA B 143 -11.39 -7.28 0.56
CA ALA B 143 -12.12 -6.59 -0.51
C ALA B 143 -11.76 -5.10 -0.46
N HIS B 144 -11.11 -4.59 -1.50
CA HIS B 144 -10.81 -3.17 -1.59
C HIS B 144 -11.72 -2.52 -2.64
N LEU B 145 -12.49 -1.52 -2.22
CA LEU B 145 -13.31 -0.77 -3.14
C LEU B 145 -12.41 0.11 -4.00
N THR B 146 -12.39 -0.19 -5.30
CA THR B 146 -11.65 0.56 -6.30
C THR B 146 -12.65 0.93 -7.39
N PRO B 147 -13.51 1.92 -7.11
CA PRO B 147 -14.65 2.22 -7.97
C PRO B 147 -14.27 3.05 -9.19
N GLY B 148 -15.25 3.18 -10.08
CA GLY B 148 -15.15 3.94 -11.32
C GLY B 148 -15.58 3.09 -12.50
N HIS B 149 -14.86 1.99 -12.74
CA HIS B 149 -15.22 1.05 -13.82
C HIS B 149 -16.63 0.50 -13.58
N THR B 150 -16.92 0.12 -12.32
CA THR B 150 -18.26 -0.05 -11.82
C THR B 150 -18.33 0.66 -10.48
N ARG B 151 -19.55 0.86 -9.96
CA ARG B 151 -19.70 1.58 -8.71
C ARG B 151 -19.03 0.80 -7.56
N GLY B 152 -19.05 -0.54 -7.65
CA GLY B 152 -18.55 -1.39 -6.59
C GLY B 152 -17.37 -2.26 -6.99
N CYS B 153 -16.61 -1.86 -8.01
CA CYS B 153 -15.51 -2.66 -8.48
C CYS B 153 -14.58 -2.97 -7.29
N THR B 154 -14.20 -4.25 -7.18
CA THR B 154 -13.45 -4.78 -6.05
C THR B 154 -12.10 -5.27 -6.54
N THR B 155 -11.05 -4.79 -5.88
CA THR B 155 -9.71 -5.33 -6.03
C THR B 155 -9.47 -6.25 -4.82
N TRP B 156 -9.24 -7.53 -5.10
CA TRP B 156 -9.11 -8.55 -4.04
C TRP B 156 -7.63 -8.74 -3.71
N THR B 157 -7.28 -8.75 -2.41
CA THR B 157 -5.92 -8.98 -2.02
C THR B 157 -5.84 -10.13 -1.02
N MET B 158 -4.70 -10.82 -1.05
CA MET B 158 -4.39 -11.83 -0.04
C MET B 158 -2.87 -11.94 0.06
N LYS B 159 -2.39 -12.43 1.20
CA LYS B 159 -0.99 -12.71 1.40
C LYS B 159 -0.76 -14.21 1.19
N LEU B 160 0.25 -14.55 0.38
CA LEU B 160 0.54 -15.92 -0.03
C LEU B 160 1.98 -16.22 0.40
N LYS B 161 2.21 -17.43 0.91
CA LYS B 161 3.57 -17.93 1.09
C LYS B 161 3.94 -18.78 -0.12
N ASP B 162 5.06 -18.46 -0.78
CA ASP B 162 5.57 -19.17 -1.99
C ASP B 162 7.09 -19.36 -1.82
N HIS B 163 7.55 -20.61 -1.88
CA HIS B 163 8.96 -20.95 -1.73
C HIS B 163 9.54 -20.30 -0.46
N GLY B 164 8.77 -20.32 0.63
CA GLY B 164 9.25 -19.85 1.93
C GLY B 164 9.16 -18.33 2.11
N LYS B 165 8.65 -17.63 1.09
CA LYS B 165 8.67 -16.15 1.05
C LYS B 165 7.24 -15.62 1.01
N GLN B 166 7.05 -14.38 1.48
CA GLN B 166 5.75 -13.74 1.64
C GLN B 166 5.47 -12.80 0.47
N TYR B 167 4.25 -12.89 -0.10
CA TYR B 167 3.89 -12.06 -1.23
C TYR B 167 2.47 -11.57 -1.07
N GLN B 168 2.22 -10.29 -1.39
CA GLN B 168 0.86 -9.79 -1.51
C GLN B 168 0.39 -10.00 -2.96
N ALA B 169 -0.69 -10.78 -3.09
CA ALA B 169 -1.37 -10.98 -4.37
C ALA B 169 -2.48 -9.93 -4.47
N VAL B 170 -2.58 -9.35 -5.66
CA VAL B 170 -3.54 -8.33 -5.94
C VAL B 170 -4.27 -8.71 -7.23
N ILE B 171 -5.59 -8.95 -7.13
CA ILE B 171 -6.41 -9.16 -8.34
C ILE B 171 -7.09 -7.82 -8.66
N ILE B 172 -6.48 -7.03 -9.54
CA ILE B 172 -7.02 -5.72 -9.92
C ILE B 172 -8.39 -5.91 -10.57
N GLY B 173 -9.40 -5.28 -9.99
CA GLY B 173 -10.80 -5.49 -10.46
C GLY B 173 -11.07 -4.99 -11.86
N SER B 174 -10.48 -3.80 -12.15
CA SER B 174 -10.42 -2.98 -13.38
C SER B 174 -10.50 -1.50 -13.01
N ILE B 175 -9.63 -0.70 -13.62
CA ILE B 175 -9.70 0.80 -13.57
C ILE B 175 -9.73 1.31 -15.02
N GLY B 176 -10.21 0.47 -15.94
CA GLY B 176 -10.36 0.88 -17.33
C GLY B 176 -11.58 1.79 -17.51
N VAL B 177 -11.45 2.76 -18.41
CA VAL B 177 -12.58 3.60 -18.82
C VAL B 177 -13.14 2.99 -20.10
N ASN B 178 -14.36 2.46 -20.04
CA ASN B 178 -14.94 1.81 -21.24
C ASN B 178 -15.29 2.87 -22.26
N PRO B 179 -15.24 2.51 -23.55
CA PRO B 179 -15.61 3.41 -24.65
C PRO B 179 -17.03 3.95 -24.42
N GLY B 180 -17.17 5.28 -24.36
CA GLY B 180 -18.47 5.86 -24.23
C GLY B 180 -18.79 6.31 -22.81
N TYR B 181 -18.00 5.83 -21.84
CA TYR B 181 -18.23 6.30 -20.47
C TYR B 181 -18.08 7.84 -20.41
N LYS B 182 -18.97 8.50 -19.67
CA LYS B 182 -18.90 9.97 -19.51
C LYS B 182 -18.24 10.30 -18.17
N LEU B 183 -17.12 11.04 -18.22
CA LEU B 183 -16.36 11.40 -16.99
C LEU B 183 -16.68 12.80 -16.48
N VAL B 184 -17.38 13.61 -17.26
CA VAL B 184 -17.69 15.01 -16.89
C VAL B 184 -19.22 15.14 -16.85
N ASP B 185 -19.75 15.58 -15.73
CA ASP B 185 -21.21 15.81 -15.57
C ASP B 185 -21.99 14.52 -15.92
N ASN B 186 -21.52 13.38 -15.40
CA ASN B 186 -22.22 12.11 -15.64
C ASN B 186 -23.57 12.19 -14.92
N ILE B 187 -24.64 11.92 -15.67
CA ILE B 187 -26.02 12.11 -15.18
C ILE B 187 -26.43 11.05 -14.16
N THR B 188 -26.00 9.79 -14.35
CA THR B 188 -26.46 8.69 -13.50
C THR B 188 -25.46 8.38 -12.38
N TYR B 189 -24.18 8.72 -12.61
CA TYR B 189 -23.07 8.38 -11.71
C TYR B 189 -22.16 9.59 -11.57
N PRO B 190 -22.60 10.64 -10.86
CA PRO B 190 -21.86 11.90 -10.86
C PRO B 190 -20.42 11.80 -10.31
N LYS B 191 -20.21 10.87 -9.37
CA LYS B 191 -18.89 10.76 -8.73
C LYS B 191 -17.95 9.83 -9.51
N ILE B 192 -18.29 9.49 -10.75
CA ILE B 192 -17.48 8.52 -11.51
C ILE B 192 -16.01 8.95 -11.54
N ALA B 193 -15.72 10.22 -11.89
CA ALA B 193 -14.29 10.64 -12.03
C ALA B 193 -13.62 10.69 -10.64
N GLU B 194 -14.35 11.16 -9.61
CA GLU B 194 -13.81 11.17 -8.26
CA GLU B 194 -13.85 11.17 -8.24
C GLU B 194 -13.45 9.75 -7.83
N ASP B 195 -14.29 8.79 -8.22
CA ASP B 195 -14.12 7.38 -7.86
C ASP B 195 -12.86 6.81 -8.53
N TYR B 196 -12.69 7.05 -9.83
CA TYR B 196 -11.47 6.59 -10.53
C TYR B 196 -10.24 7.20 -9.85
N LYS B 197 -10.31 8.48 -9.48
CA LYS B 197 -9.14 9.14 -8.85
C LYS B 197 -8.83 8.50 -7.50
N HIS B 198 -9.87 8.17 -6.73
CA HIS B 198 -9.70 7.43 -5.50
C HIS B 198 -9.03 6.07 -5.75
N SER B 199 -9.49 5.35 -6.78
CA SER B 199 -8.92 4.05 -7.13
C SER B 199 -7.43 4.19 -7.44
N ILE B 200 -7.09 5.23 -8.21
CA ILE B 200 -5.70 5.50 -8.56
C ILE B 200 -4.86 5.72 -7.29
N LYS B 201 -5.37 6.56 -6.38
CA LYS B 201 -4.64 6.81 -5.15
C LYS B 201 -4.42 5.51 -4.38
N VAL B 202 -5.46 4.70 -4.22
CA VAL B 202 -5.41 3.42 -3.47
C VAL B 202 -4.40 2.47 -4.14
N LEU B 203 -4.53 2.31 -5.46
CA LEU B 203 -3.68 1.31 -6.14
C LEU B 203 -2.22 1.76 -6.23
N GLU B 204 -1.98 3.07 -6.41
CA GLU B 204 -0.58 3.59 -6.47
C GLU B 204 0.16 3.33 -5.17
N SER B 205 -0.55 3.27 -4.04
CA SER B 205 0.13 3.16 -2.77
C SER B 205 0.05 1.74 -2.22
N MET B 206 -0.48 0.79 -3.02
CA MET B 206 -0.75 -0.59 -2.58
C MET B 206 0.45 -1.49 -2.90
N ARG B 207 0.92 -2.24 -1.89
CA ARG B 207 1.90 -3.30 -2.11
C ARG B 207 1.32 -4.32 -3.11
N CYS B 208 2.11 -4.66 -4.12
CA CYS B 208 1.63 -5.55 -5.19
C CYS B 208 2.80 -6.41 -5.66
N ASP B 209 2.83 -7.65 -5.19
CA ASP B 209 3.91 -8.59 -5.52
C ASP B 209 3.42 -9.55 -6.62
N ILE B 210 2.28 -10.20 -6.40
CA ILE B 210 1.72 -11.13 -7.35
C ILE B 210 0.58 -10.41 -8.07
N PHE B 211 0.86 -10.05 -9.32
CA PHE B 211 0.08 -9.12 -10.11
C PHE B 211 -0.95 -9.87 -10.95
N LEU B 212 -2.23 -9.72 -10.59
CA LEU B 212 -3.33 -10.42 -11.26
C LEU B 212 -4.43 -9.41 -11.62
N GLY B 213 -5.47 -9.91 -12.29
CA GLY B 213 -6.52 -9.05 -12.74
C GLY B 213 -7.71 -9.83 -13.26
N SER B 214 -8.80 -9.10 -13.51
CA SER B 214 -10.04 -9.70 -14.01
C SER B 214 -9.92 -10.20 -15.46
N HIS B 215 -8.94 -9.68 -16.22
CA HIS B 215 -8.67 -10.13 -17.56
C HIS B 215 -7.20 -10.53 -17.68
N ALA B 216 -6.98 -11.66 -18.38
CA ALA B 216 -5.66 -12.23 -18.62
C ALA B 216 -4.68 -11.20 -19.19
N GLY B 217 -5.17 -10.38 -20.13
CA GLY B 217 -4.37 -9.40 -20.82
C GLY B 217 -3.78 -8.31 -19.92
N MET B 218 -4.42 -8.08 -18.78
CA MET B 218 -3.93 -7.03 -17.86
C MET B 218 -2.54 -7.38 -17.35
N PHE B 219 -2.30 -8.68 -17.10
CA PHE B 219 -1.14 -9.08 -16.33
C PHE B 219 -0.27 -10.06 -17.11
N ASP B 220 -0.49 -10.22 -18.42
CA ASP B 220 0.41 -11.03 -19.28
C ASP B 220 0.35 -12.51 -18.87
N LEU B 221 -0.87 -13.03 -18.65
CA LEU B 221 -1.09 -14.43 -18.29
C LEU B 221 -0.35 -15.36 -19.25
N LYS B 222 -0.57 -15.15 -20.56
CA LYS B 222 -0.09 -16.17 -21.53
C LYS B 222 1.43 -16.32 -21.47
N ASN B 223 2.17 -15.21 -21.58
CA ASN B 223 3.62 -15.26 -21.61
C ASN B 223 4.18 -15.72 -20.25
N LYS B 224 3.53 -15.31 -19.14
CA LYS B 224 3.99 -15.76 -17.86
C LYS B 224 3.76 -17.26 -17.67
N TYR B 225 2.64 -17.80 -18.14
CA TYR B 225 2.35 -19.23 -18.04
C TYR B 225 3.41 -20.01 -18.81
N VAL B 226 3.76 -19.53 -20.01
CA VAL B 226 4.82 -20.16 -20.78
C VAL B 226 6.12 -20.22 -19.95
N LEU B 227 6.51 -19.11 -19.30
CA LEU B 227 7.71 -19.09 -18.47
C LEU B 227 7.59 -20.08 -17.30
N LEU B 228 6.39 -20.16 -16.69
CA LEU B 228 6.18 -21.07 -15.58
C LEU B 228 6.39 -22.52 -16.03
N SER B 229 5.82 -22.87 -17.18
CA SER B 229 5.93 -24.24 -17.75
C SER B 229 7.41 -24.57 -17.99
N LYS B 230 8.21 -23.56 -18.35
CA LYS B 230 9.64 -23.74 -18.60
C LYS B 230 10.45 -23.84 -17.30
N GLY B 231 9.82 -23.62 -16.13
CA GLY B 231 10.47 -23.76 -14.83
C GLY B 231 11.08 -22.49 -14.26
N GLN B 232 10.69 -21.32 -14.80
CA GLN B 232 11.27 -20.07 -14.34
C GLN B 232 10.75 -19.76 -12.92
N ASN B 233 11.58 -19.02 -12.16
CA ASN B 233 11.25 -18.41 -10.84
C ASN B 233 9.92 -17.68 -10.99
N ASN B 234 8.99 -18.00 -10.11
CA ASN B 234 7.59 -17.70 -10.26
C ASN B 234 7.39 -16.40 -11.05
N PRO B 235 7.04 -16.52 -12.35
CA PRO B 235 6.87 -15.33 -13.18
C PRO B 235 5.64 -14.49 -12.83
N PHE B 236 4.75 -15.01 -11.98
CA PHE B 236 3.59 -14.26 -11.53
C PHE B 236 3.97 -13.31 -10.40
N VAL B 237 5.18 -13.45 -9.83
CA VAL B 237 5.74 -12.44 -8.94
C VAL B 237 6.30 -11.34 -9.85
N ASP B 238 5.57 -10.21 -9.91
CA ASP B 238 5.86 -9.19 -10.90
C ASP B 238 5.51 -7.82 -10.35
N PRO B 239 6.18 -7.37 -9.27
CA PRO B 239 5.89 -6.05 -8.71
C PRO B 239 6.15 -4.87 -9.66
N THR B 240 7.16 -4.99 -10.55
CA THR B 240 7.45 -3.94 -11.49
C THR B 240 6.30 -3.83 -12.50
N GLY B 241 5.84 -4.98 -13.03
CA GLY B 241 4.73 -4.98 -13.95
C GLY B 241 3.47 -4.39 -13.34
N CYS B 242 3.24 -4.72 -12.06
CA CYS B 242 2.08 -4.22 -11.35
C CYS B 242 2.15 -2.69 -11.22
N LYS B 243 3.30 -2.16 -10.78
CA LYS B 243 3.52 -0.71 -10.63
C LYS B 243 3.27 -0.02 -11.98
N ASN B 244 3.86 -0.57 -13.05
CA ASN B 244 3.80 0.06 -14.34
C ASN B 244 2.37 0.00 -14.90
N TYR B 245 1.65 -1.11 -14.66
CA TYR B 245 0.29 -1.26 -15.16
C TYR B 245 -0.65 -0.25 -14.49
N ILE B 246 -0.58 -0.18 -13.16
CA ILE B 246 -1.38 0.81 -12.42
C ILE B 246 -1.07 2.23 -12.93
N GLU B 247 0.20 2.57 -13.10
CA GLU B 247 0.58 3.91 -13.58
C GLU B 247 0.06 4.14 -15.00
N GLN B 248 0.14 3.12 -15.88
CA GLN B 248 -0.37 3.24 -17.23
C GLN B 248 -1.89 3.51 -17.22
N LYS B 249 -2.64 2.74 -16.41
CA LYS B 249 -4.10 2.90 -16.37
C LYS B 249 -4.45 4.25 -15.73
N ALA B 250 -3.64 4.72 -14.77
CA ALA B 250 -3.87 6.05 -14.20
C ALA B 250 -3.70 7.10 -15.30
N ASN B 251 -2.63 6.97 -16.09
CA ASN B 251 -2.38 7.90 -17.17
C ASN B 251 -3.51 7.81 -18.20
N ASP B 252 -3.99 6.60 -18.52
CA ASP B 252 -5.08 6.38 -19.49
C ASP B 252 -6.35 7.11 -19.03
N PHE B 253 -6.63 7.06 -17.72
CA PHE B 253 -7.79 7.73 -17.16
C PHE B 253 -7.67 9.25 -17.39
N TYR B 254 -6.51 9.82 -17.05
CA TYR B 254 -6.29 11.26 -17.19
C TYR B 254 -6.26 11.67 -18.66
N THR B 255 -5.77 10.79 -19.53
CA THR B 255 -5.80 11.05 -20.96
C THR B 255 -7.26 11.15 -21.45
N GLU B 256 -8.13 10.27 -20.97
CA GLU B 256 -9.53 10.25 -21.37
C GLU B 256 -10.25 11.47 -20.78
N LEU B 257 -9.90 11.82 -19.53
CA LEU B 257 -10.47 12.99 -18.91
C LEU B 257 -10.07 14.24 -19.71
N LYS B 258 -8.80 14.35 -20.08
CA LYS B 258 -8.31 15.48 -20.91
C LYS B 258 -9.12 15.54 -22.22
N LYS B 259 -9.33 14.38 -22.86
CA LYS B 259 -10.08 14.37 -24.14
C LYS B 259 -11.49 14.91 -23.92
N GLN B 260 -12.14 14.47 -22.83
CA GLN B 260 -13.52 14.87 -22.56
C GLN B 260 -13.62 16.35 -22.16
N GLU B 261 -12.59 16.88 -21.50
CA GLU B 261 -12.61 18.27 -21.03
C GLU B 261 -12.12 19.26 -22.07
N THR B 262 -11.24 18.85 -22.98
CA THR B 262 -10.53 19.83 -23.83
C THR B 262 -10.59 19.47 -25.32
N GLY B 263 -11.08 18.27 -25.66
CA GLY B 263 -11.09 17.76 -27.06
C GLY B 263 -12.39 18.10 -27.80
ZN ZN C . 15.40 6.59 17.41
ZN ZN D . 12.24 6.48 19.26
S SO4 E . 23.42 29.62 4.64
O1 SO4 E . 24.47 29.74 5.68
O2 SO4 E . 23.57 30.70 3.64
O3 SO4 E . 23.58 28.37 3.92
O4 SO4 E . 22.10 29.80 5.25
S SO4 F . 4.83 29.45 -2.14
O1 SO4 F . 5.62 28.28 -1.75
O2 SO4 F . 5.45 30.67 -1.59
O3 SO4 F . 4.82 29.48 -3.63
O4 SO4 F . 3.44 29.41 -1.74
C1 GOL G . 2.41 23.23 3.58
O1 GOL G . 2.06 24.05 2.48
C2 GOL G . 1.20 22.34 3.84
O2 GOL G . 1.05 21.39 2.75
C3 GOL G . 1.39 21.62 5.16
O3 GOL G . 0.36 20.68 5.41
S SO4 H . 12.15 -0.10 -12.30
O1 SO4 H . 12.22 -1.06 -11.20
O2 SO4 H . 13.37 0.75 -12.26
O3 SO4 H . 12.16 -0.83 -13.60
O4 SO4 H . 10.93 0.72 -12.24
S SO4 I . -4.82 17.41 3.02
O1 SO4 I . -4.00 18.57 3.46
O2 SO4 I . -3.93 16.26 2.78
O3 SO4 I . -5.72 17.03 4.13
O4 SO4 I . -5.60 17.81 1.84
S SO4 J . 15.86 -2.40 14.16
O1 SO4 J . 17.05 -1.66 14.63
O2 SO4 J . 14.86 -1.44 13.61
O3 SO4 J . 16.26 -3.36 13.10
O4 SO4 J . 15.26 -3.11 15.30
UNK UNX K . 15.28 5.04 20.47
UNK UNX L . 13.47 5.13 20.76
UNK UNX M . 15.51 6.64 22.22
UNK UNX N . 15.96 4.68 18.63
UNK UNX O . 13.95 5.03 16.85
UNK UNX P . 13.46 2.96 16.82
ZN ZN Q . -14.30 -7.20 -18.13
ZN ZN R . -16.22 -4.41 -16.78
S SO4 S . -17.39 -32.75 -8.43
O1 SO4 S . -18.25 -31.82 -7.70
O2 SO4 S . -16.04 -32.17 -8.75
O3 SO4 S . -17.17 -33.98 -7.63
O4 SO4 S . -18.05 -33.10 -9.70
S SO4 T . -15.96 -23.64 9.16
O1 SO4 T . -14.74 -24.15 9.83
O2 SO4 T . -16.59 -22.68 10.06
O3 SO4 T . -15.58 -23.05 7.88
O4 SO4 T . -16.91 -24.75 8.94
C1 GOL U . -16.93 -15.75 5.44
O1 GOL U . -16.68 -16.52 6.60
C2 GOL U . -16.72 -14.29 5.86
O2 GOL U . -15.35 -14.01 6.19
C3 GOL U . -17.22 -13.40 4.71
O3 GOL U . -17.07 -12.02 5.00
S SO4 V . -14.26 -7.49 8.85
O1 SO4 V . -13.70 -7.73 10.19
O2 SO4 V . -14.63 -6.06 8.70
O3 SO4 V . -13.27 -7.80 7.85
O4 SO4 V . -15.47 -8.31 8.67
S SO4 W . 11.66 -12.40 -2.80
O1 SO4 W . 13.08 -12.40 -2.34
O2 SO4 W . 11.51 -11.41 -3.86
O3 SO4 W . 11.30 -13.69 -3.43
O4 SO4 W . 10.81 -12.14 -1.62
S SO4 X . -5.88 -3.01 -20.25
O1 SO4 X . -6.77 -2.58 -19.15
O2 SO4 X . -5.02 -1.88 -20.67
O3 SO4 X . -6.74 -3.44 -21.36
O4 SO4 X . -5.05 -4.16 -19.87
UNK UNX Y . -13.93 -5.83 -19.94
UNK UNX Z . -13.10 -5.44 -17.36
UNK UNX AA . -11.79 -3.79 -17.80
UNK UNX BA . -15.58 -4.79 -20.19
UNK UNX CA . -16.31 -3.58 -19.05
UNK UNX DA . -16.70 -6.10 -21.18
#